data_3C9A
#
_entry.id   3C9A
#
_cell.length_a   49.991
_cell.length_b   51.275
_cell.length_c   69.985
_cell.angle_alpha   84.23
_cell.angle_beta   74.82
_cell.angle_gamma   75.67
#
_symmetry.space_group_name_H-M   'P 1'
#
loop_
_entity.id
_entity.type
_entity.pdbx_description
1 polymer 'Protein giant-lens'
2 polymer 'Protein spitz'
3 non-polymer 'BROMIDE ION'
4 water water
#
loop_
_entity_poly.entity_id
_entity_poly.type
_entity_poly.pdbx_seq_one_letter_code
_entity_poly.pdbx_strand_id
1 'polypeptide(L)'
;RSIIGGKHGDRDVRILYQVGDSEEDLPVCAPNAVCSKIDLYETPWIERQCRCPDGRTCPSSLGVEDGHTIADKTRHYKMC
QPVHKLPVCKHFRDYTWTLTTAAELNVTEQIVHCRCPRNSVTYLTKREPIGNDSPGYRYLFACSPLTRLRCQRKQPCKLF
TVRKRQEFLDEVNINSLCQCPKGHRCPSHHTQSGVIAGESFLEDNIQTYSGYCMANDHHHHHH
;
A,B
2 'polypeptide(L)' TFPTYKCPETFDAWYCLNDAHCFAVKIADLPVYSCECAIGFMGQRCEYKEID C,D
#
# COMPACT_ATOMS: atom_id res chain seq x y z
N ASP A 10 -16.37 38.81 19.66
CA ASP A 10 -15.58 38.12 18.59
C ASP A 10 -15.21 36.71 19.01
N ARG A 11 -15.35 35.78 18.07
CA ARG A 11 -14.97 34.39 18.29
C ARG A 11 -13.47 34.25 18.40
N ASP A 12 -13.04 33.24 19.14
CA ASP A 12 -11.62 32.99 19.40
C ASP A 12 -11.01 32.19 18.24
N VAL A 13 -10.63 32.90 17.19
CA VAL A 13 -10.03 32.28 16.00
C VAL A 13 -8.54 32.10 16.29
N ARG A 14 -8.09 30.86 16.31
CA ARG A 14 -6.69 30.52 16.62
C ARG A 14 -5.87 30.29 15.38
N ILE A 15 -4.57 30.58 15.47
CA ILE A 15 -3.63 30.31 14.39
C ILE A 15 -2.62 29.27 14.85
N LEU A 16 -2.59 28.13 14.14
CA LEU A 16 -1.64 27.06 14.41
C LEU A 16 -0.75 26.84 13.19
N TYR A 17 0.25 25.99 13.37
CA TYR A 17 1.35 25.80 12.38
C TYR A 17 1.56 24.32 12.13
N GLN A 18 1.75 23.93 10.87
CA GLN A 18 1.93 22.51 10.58
C GLN A 18 3.24 21.95 11.12
N VAL A 19 4.19 22.85 11.34
CA VAL A 19 5.52 22.52 11.86
C VAL A 19 5.98 23.71 12.69
N GLY A 20 6.66 23.45 13.80
CA GLY A 20 7.10 24.55 14.62
C GLY A 20 5.94 25.32 15.23
N ASP A 21 6.15 26.60 15.47
CA ASP A 21 5.17 27.38 16.21
C ASP A 21 5.09 28.83 15.72
N SER A 22 5.71 29.07 14.58
CA SER A 22 5.75 30.43 14.07
C SER A 22 5.91 30.45 12.58
N GLU A 23 5.67 31.61 11.99
CA GLU A 23 5.83 31.80 10.55
C GLU A 23 7.21 31.43 10.03
N GLU A 24 8.25 31.72 10.80
CA GLU A 24 9.59 31.41 10.31
C GLU A 24 9.96 29.93 10.33
N ASP A 25 9.11 29.11 10.97
CA ASP A 25 9.30 27.66 10.94
C ASP A 25 8.75 27.03 9.66
N LEU A 26 7.91 27.78 8.94
CA LEU A 26 7.19 27.24 7.78
C LEU A 26 8.09 27.26 6.56
N PRO A 27 7.92 26.29 5.65
CA PRO A 27 8.57 26.32 4.34
C PRO A 27 7.94 27.33 3.42
N VAL A 28 8.61 27.64 2.32
CA VAL A 28 8.02 28.45 1.26
C VAL A 28 7.10 27.53 0.44
N CYS A 29 5.91 28.00 0.08
CA CYS A 29 4.96 27.15 -0.67
C CYS A 29 5.47 26.82 -2.06
N ALA A 30 5.36 25.55 -2.45
CA ALA A 30 5.52 25.15 -3.87
C ALA A 30 4.39 25.76 -4.72
N PRO A 31 4.56 25.81 -6.06
CA PRO A 31 3.43 26.33 -6.81
C PRO A 31 2.19 25.48 -6.60
N ASN A 32 1.03 26.11 -6.49
CA ASN A 32 -0.25 25.42 -6.36
C ASN A 32 -0.38 24.63 -5.05
N ALA A 33 0.47 24.95 -4.08
CA ALA A 33 0.32 24.33 -2.75
C ALA A 33 -0.71 25.02 -1.90
N VAL A 34 -1.44 24.24 -1.09
CA VAL A 34 -2.34 24.81 -0.09
C VAL A 34 -1.48 25.52 0.93
N CYS A 35 -1.76 26.81 1.15
CA CYS A 35 -0.92 27.60 2.08
C CYS A 35 -1.45 27.63 3.52
N SER A 36 -2.77 27.47 3.69
CA SER A 36 -3.44 27.39 5.00
C SER A 36 -4.67 26.52 4.89
N LYS A 37 -5.02 25.87 6.00
CA LYS A 37 -6.29 25.15 6.09
C LYS A 37 -7.11 25.80 7.15
N ILE A 38 -8.38 26.01 6.87
CA ILE A 38 -9.27 26.61 7.84
C ILE A 38 -10.28 25.54 8.25
N ASP A 39 -10.42 25.33 9.56
CA ASP A 39 -11.29 24.30 10.09
C ASP A 39 -12.49 25.02 10.67
N LEU A 40 -13.68 24.62 10.23
CA LEU A 40 -14.87 25.32 10.69
C LEU A 40 -15.82 24.39 11.46
N TYR A 41 -15.28 23.32 12.04
CA TYR A 41 -16.11 22.32 12.72
C TYR A 41 -16.75 22.84 14.00
N GLU A 42 -16.01 23.66 14.75
CA GLU A 42 -16.47 24.19 16.03
C GLU A 42 -16.14 25.68 15.98
N THR A 43 -15.14 26.13 16.73
CA THR A 43 -14.71 27.50 16.57
C THR A 43 -13.60 27.53 15.53
N PRO A 44 -13.77 28.38 14.49
CA PRO A 44 -12.85 28.38 13.37
C PRO A 44 -11.40 28.56 13.79
N TRP A 45 -10.52 27.83 13.11
CA TRP A 45 -9.09 28.05 13.33
C TRP A 45 -8.33 27.83 12.05
N ILE A 46 -7.13 28.40 11.98
CA ILE A 46 -6.29 28.34 10.78
C ILE A 46 -5.05 27.52 11.09
N GLU A 47 -4.73 26.52 10.25
CA GLU A 47 -3.42 25.90 10.33
C GLU A 47 -2.57 26.35 9.14
N ARG A 48 -1.54 27.12 9.42
CA ARG A 48 -0.63 27.61 8.38
C ARG A 48 0.22 26.47 7.86
N GLN A 49 0.34 26.36 6.53
CA GLN A 49 1.11 25.28 5.92
C GLN A 49 2.45 25.75 5.43
N CYS A 50 2.43 26.91 4.77
CA CYS A 50 3.66 27.43 4.16
C CYS A 50 3.51 28.90 3.86
N ARG A 51 4.65 29.55 3.55
CA ARG A 51 4.68 30.97 3.22
C ARG A 51 4.65 31.17 1.71
N CYS A 52 3.74 32.03 1.25
CA CYS A 52 3.59 32.29 -0.19
C CYS A 52 4.85 32.97 -0.71
N PRO A 53 5.38 32.49 -1.85
CA PRO A 53 6.53 33.14 -2.45
C PRO A 53 6.16 34.43 -3.18
N ASP A 54 7.20 35.16 -3.58
CA ASP A 54 7.06 36.30 -4.52
C ASP A 54 6.15 37.42 -4.02
N GLY A 55 6.25 37.71 -2.72
CA GLY A 55 5.59 38.86 -2.11
C GLY A 55 4.10 38.74 -1.90
N ARG A 56 3.58 37.52 -2.01
CA ARG A 56 2.17 37.28 -1.74
C ARG A 56 1.99 36.83 -0.28
N THR A 57 0.77 36.98 0.21
CA THR A 57 0.42 36.62 1.58
C THR A 57 -0.73 35.62 1.56
N CYS A 58 -0.57 34.52 2.29
CA CYS A 58 -1.63 33.51 2.34
C CYS A 58 -2.89 34.14 2.90
N PRO A 59 -4.01 34.02 2.16
CA PRO A 59 -5.32 34.54 2.58
C PRO A 59 -5.77 33.96 3.91
N SER A 60 -6.51 34.73 4.69
CA SER A 60 -6.88 34.28 6.04
C SER A 60 -8.37 34.37 6.36
N SER A 61 -9.19 34.80 5.40
CA SER A 61 -10.64 34.92 5.63
C SER A 61 -11.27 33.56 5.86
N LEU A 62 -12.32 33.54 6.67
CA LEU A 62 -13.02 32.31 7.02
C LEU A 62 -14.05 31.85 5.98
N GLY A 63 -14.28 32.66 4.95
CA GLY A 63 -15.25 32.34 3.90
C GLY A 63 -14.64 31.85 2.59
N VAL A 64 -15.47 31.79 1.55
CA VAL A 64 -15.03 31.23 0.26
C VAL A 64 -15.09 32.28 -0.86
N GLU A 65 -15.47 33.49 -0.49
CA GLU A 65 -15.73 34.59 -1.43
C GLU A 65 -14.48 35.33 -1.92
N ASP A 66 -13.30 34.96 -1.40
CA ASP A 66 -12.07 35.70 -1.73
C ASP A 66 -11.40 35.28 -3.04
N GLY A 67 -11.89 34.19 -3.65
CA GLY A 67 -11.34 33.70 -4.91
C GLY A 67 -10.11 32.80 -4.79
N HIS A 68 -9.67 32.57 -3.55
CA HIS A 68 -8.44 31.82 -3.23
C HIS A 68 -8.76 30.57 -2.40
N THR A 69 -10.03 30.20 -2.36
CA THR A 69 -10.48 29.15 -1.44
C THR A 69 -11.15 27.98 -2.14
N ILE A 70 -10.84 26.79 -1.66
CA ILE A 70 -11.52 25.58 -2.07
C ILE A 70 -12.14 24.96 -0.82
N ALA A 71 -13.44 24.68 -0.86
CA ALA A 71 -14.07 24.00 0.26
C ALA A 71 -14.13 22.51 0.04
N ASP A 72 -14.03 21.75 1.14
CA ASP A 72 -14.27 20.30 1.12
C ASP A 72 -14.68 19.90 2.53
N LYS A 73 -15.86 19.30 2.66
CA LYS A 73 -16.46 19.02 3.97
C LYS A 73 -16.38 20.24 4.92
N THR A 74 -15.79 20.03 6.10
CA THR A 74 -15.71 21.04 7.17
C THR A 74 -14.49 21.99 7.06
N ARG A 75 -13.75 21.84 5.96
CA ARG A 75 -12.53 22.60 5.77
C ARG A 75 -12.52 23.49 4.56
N HIS A 76 -11.78 24.58 4.70
CA HIS A 76 -11.46 25.44 3.60
C HIS A 76 -9.98 25.39 3.38
N TYR A 77 -9.59 25.35 2.11
CA TYR A 77 -8.19 25.31 1.73
C TYR A 77 -7.88 26.61 1.00
N LYS A 78 -6.86 27.32 1.48
CA LYS A 78 -6.45 28.61 0.91
C LYS A 78 -5.25 28.42 0.01
N MET A 79 -5.26 29.14 -1.12
CA MET A 79 -4.15 29.09 -2.07
C MET A 79 -3.52 30.47 -2.21
N CYS A 80 -2.25 30.51 -2.57
CA CYS A 80 -1.53 31.76 -2.76
C CYS A 80 -2.07 32.58 -3.93
N GLN A 81 -2.53 31.89 -4.98
CA GLN A 81 -3.04 32.55 -6.19
C GLN A 81 -4.51 32.16 -6.38
N PRO A 82 -5.29 32.99 -7.10
CA PRO A 82 -6.71 32.69 -7.30
C PRO A 82 -6.97 31.32 -7.94
N VAL A 83 -8.08 30.70 -7.55
CA VAL A 83 -8.38 29.32 -7.96
C VAL A 83 -9.18 29.22 -9.24
N HIS A 84 -9.61 30.37 -9.79
CA HIS A 84 -10.51 30.39 -10.95
C HIS A 84 -9.87 29.74 -12.17
N LYS A 85 -8.55 29.80 -12.24
CA LYS A 85 -7.76 29.30 -13.35
C LYS A 85 -7.78 27.77 -13.39
N LEU A 86 -7.89 27.13 -12.22
CA LEU A 86 -7.90 25.68 -12.14
C LEU A 86 -9.00 25.05 -12.98
N PRO A 87 -8.64 24.01 -13.76
CA PRO A 87 -9.67 23.32 -14.51
C PRO A 87 -10.56 22.55 -13.51
N VAL A 88 -11.76 22.19 -13.94
CA VAL A 88 -12.66 21.41 -13.09
C VAL A 88 -12.38 19.92 -13.31
N CYS A 89 -12.28 19.17 -12.22
CA CYS A 89 -12.01 17.73 -12.29
C CYS A 89 -13.26 17.00 -12.77
N LYS A 90 -13.06 15.93 -13.53
CA LYS A 90 -14.11 14.96 -13.79
C LYS A 90 -14.16 13.98 -12.60
N HIS A 91 -15.37 13.65 -12.17
CA HIS A 91 -15.53 12.75 -11.04
C HIS A 91 -14.82 11.45 -11.30
N PHE A 92 -14.22 10.91 -10.23
CA PHE A 92 -13.54 9.60 -10.16
C PHE A 92 -12.18 9.58 -10.84
N ARG A 93 -12.11 10.21 -12.00
CA ARG A 93 -10.95 10.07 -12.86
C ARG A 93 -9.81 11.01 -12.49
N ASP A 94 -10.13 12.29 -12.30
CA ASP A 94 -9.05 13.29 -12.18
C ASP A 94 -8.58 13.49 -10.75
N TYR A 95 -7.27 13.61 -10.56
CA TYR A 95 -6.75 13.78 -9.20
C TYR A 95 -6.82 15.26 -8.83
N THR A 96 -7.70 15.60 -7.89
CA THR A 96 -7.83 16.98 -7.45
C THR A 96 -6.60 17.51 -6.73
N TRP A 97 -6.05 16.69 -5.85
CA TRP A 97 -4.81 17.06 -5.22
C TRP A 97 -3.95 15.88 -4.84
N THR A 98 -2.70 16.17 -4.51
CA THR A 98 -1.76 15.10 -4.16
C THR A 98 -1.12 15.54 -2.87
N LEU A 99 -0.81 14.58 -2.00
CA LEU A 99 -0.16 14.89 -0.73
C LEU A 99 1.17 14.16 -0.68
N THR A 100 2.20 14.84 -0.16
CA THR A 100 3.46 14.18 0.14
C THR A 100 3.92 14.69 1.50
N THR A 101 4.65 13.85 2.24
CA THR A 101 5.23 14.28 3.50
C THR A 101 6.76 14.13 3.46
N ALA A 102 7.44 15.15 3.96
CA ALA A 102 8.87 15.08 4.20
C ALA A 102 9.01 14.73 5.67
N ALA A 103 9.14 13.44 5.97
CA ALA A 103 9.09 12.95 7.36
C ALA A 103 10.20 13.52 8.25
N GLU A 104 11.35 13.82 7.65
CA GLU A 104 12.50 14.42 8.35
C GLU A 104 12.21 15.85 8.78
N LEU A 105 11.33 16.51 8.02
CA LEU A 105 11.06 17.92 8.23
C LEU A 105 9.70 18.19 8.92
N ASN A 106 8.94 17.12 9.16
CA ASN A 106 7.58 17.21 9.70
C ASN A 106 6.69 18.15 8.87
N VAL A 107 6.88 18.07 7.54
CA VAL A 107 6.20 18.96 6.59
C VAL A 107 5.40 18.14 5.59
N THR A 108 4.11 18.46 5.45
CA THR A 108 3.30 17.87 4.39
C THR A 108 3.03 18.94 3.33
N GLU A 109 2.96 18.52 2.06
CA GLU A 109 2.68 19.45 0.97
C GLU A 109 1.46 18.93 0.23
N GLN A 110 0.48 19.80 -0.01
CA GLN A 110 -0.76 19.46 -0.69
C GLN A 110 -0.83 20.28 -1.95
N ILE A 111 -0.65 19.66 -3.11
CA ILE A 111 -0.65 20.37 -4.40
C ILE A 111 -2.02 20.19 -5.05
N VAL A 112 -2.65 21.29 -5.46
CA VAL A 112 -3.99 21.24 -6.05
C VAL A 112 -3.85 21.34 -7.56
N HIS A 113 -4.51 20.42 -8.25
CA HIS A 113 -4.37 20.28 -9.71
C HIS A 113 -5.63 20.69 -10.45
N CYS A 114 -6.79 20.36 -9.90
CA CYS A 114 -8.09 20.74 -10.51
C CYS A 114 -9.10 20.86 -9.40
N ARG A 115 -10.20 21.56 -9.66
CA ARG A 115 -11.23 21.79 -8.65
C ARG A 115 -12.40 20.80 -8.78
N CYS A 116 -12.81 20.18 -7.68
CA CYS A 116 -13.94 19.27 -7.76
C CYS A 116 -15.18 20.05 -8.15
N PRO A 117 -16.07 19.44 -8.93
CA PRO A 117 -17.40 20.02 -9.18
C PRO A 117 -18.14 20.30 -7.88
N ARG A 118 -19.15 21.17 -7.94
CA ARG A 118 -19.98 21.44 -6.77
C ARG A 118 -20.58 20.13 -6.27
N ASN A 119 -20.80 20.03 -4.96
CA ASN A 119 -21.47 18.87 -4.38
C ASN A 119 -20.64 17.58 -4.51
N SER A 120 -19.32 17.72 -4.41
CA SER A 120 -18.42 16.57 -4.41
C SER A 120 -17.75 16.42 -3.04
N VAL A 121 -17.20 15.24 -2.81
CA VAL A 121 -16.31 15.02 -1.69
C VAL A 121 -15.00 14.47 -2.26
N THR A 122 -13.90 14.75 -1.59
CA THR A 122 -12.61 14.22 -2.05
C THR A 122 -12.34 12.89 -1.35
N TYR A 123 -11.53 12.03 -1.98
CA TYR A 123 -11.22 10.74 -1.37
C TYR A 123 -9.90 10.21 -1.88
N LEU A 124 -9.22 9.44 -1.04
CA LEU A 124 -7.93 8.85 -1.40
C LEU A 124 -8.14 7.70 -2.38
N THR A 125 -7.47 7.75 -3.52
CA THR A 125 -7.71 6.80 -4.59
C THR A 125 -6.51 5.98 -5.07
N LYS A 126 -5.31 6.59 -5.05
CA LYS A 126 -4.12 5.94 -5.59
C LYS A 126 -2.89 6.43 -4.84
N ARG A 127 -1.81 5.69 -5.01
CA ARG A 127 -0.48 6.15 -4.55
C ARG A 127 0.56 5.87 -5.63
N GLU A 128 1.68 6.59 -5.56
CA GLU A 128 2.77 6.34 -6.50
C GLU A 128 4.06 6.77 -5.82
N PRO A 129 5.19 6.13 -6.14
CA PRO A 129 6.44 6.61 -5.53
C PRO A 129 6.70 8.06 -5.90
N ILE A 130 7.17 8.84 -4.94
CA ILE A 130 7.60 10.22 -5.22
C ILE A 130 8.74 10.20 -6.23
N GLY A 131 9.71 9.31 -6.01
CA GLY A 131 10.91 9.20 -6.86
C GLY A 131 11.90 10.36 -6.74
N ASN A 132 12.92 10.33 -7.59
CA ASN A 132 13.96 11.37 -7.65
C ASN A 132 14.60 11.64 -6.29
N ASP A 133 14.90 10.55 -5.56
CA ASP A 133 15.57 10.61 -4.25
C ASP A 133 14.80 11.25 -3.12
N SER A 134 13.51 11.50 -3.32
CA SER A 134 12.65 11.90 -2.21
C SER A 134 11.89 10.66 -1.79
N PRO A 135 12.14 10.18 -0.56
CA PRO A 135 11.58 8.89 -0.18
C PRO A 135 10.09 8.95 0.09
N GLY A 136 9.39 7.87 -0.25
CA GLY A 136 8.02 7.66 0.14
C GLY A 136 7.08 7.73 -1.04
N TYR A 137 5.79 7.82 -0.70
CA TYR A 137 4.73 7.83 -1.71
C TYR A 137 4.10 9.21 -1.82
N ARG A 138 3.62 9.50 -3.02
CA ARG A 138 2.66 10.58 -3.25
C ARG A 138 1.27 9.97 -3.25
N TYR A 139 0.34 10.63 -2.53
CA TYR A 139 -1.04 10.15 -2.38
C TYR A 139 -1.97 11.01 -3.24
N LEU A 140 -2.78 10.35 -4.08
CA LEU A 140 -3.64 11.02 -5.06
C LEU A 140 -5.12 10.93 -4.64
N PHE A 141 -5.81 12.08 -4.65
CA PHE A 141 -7.21 12.15 -4.21
C PHE A 141 -8.03 12.54 -5.41
N ALA A 142 -9.22 11.97 -5.47
CA ALA A 142 -10.17 12.23 -6.57
C ALA A 142 -11.46 12.78 -6.01
N CYS A 143 -12.45 13.07 -6.88
CA CYS A 143 -13.69 13.76 -6.49
C CYS A 143 -14.85 12.81 -6.71
N SER A 144 -15.78 12.77 -5.76
CA SER A 144 -16.89 11.83 -5.77
C SER A 144 -18.18 12.61 -5.49
N PRO A 145 -19.25 12.41 -6.29
CA PRO A 145 -20.49 13.11 -5.95
C PRO A 145 -21.12 12.54 -4.67
N LEU A 146 -21.86 13.37 -3.95
CA LEU A 146 -22.61 12.89 -2.77
C LEU A 146 -23.96 12.33 -3.23
N THR A 147 -24.38 11.16 -2.71
CA THR A 147 -25.71 10.61 -3.00
C THR A 147 -26.42 10.29 -1.70
N ARG A 148 -27.75 10.20 -1.73
CA ARG A 148 -28.49 9.91 -0.51
C ARG A 148 -28.39 8.44 -0.16
N LEU A 149 -28.13 8.15 1.12
CA LEU A 149 -28.16 6.77 1.61
C LEU A 149 -29.01 6.72 2.88
N ARG A 150 -30.09 5.97 2.83
CA ARG A 150 -30.92 5.84 4.04
C ARG A 150 -30.20 5.02 5.09
N CYS A 151 -30.29 5.47 6.35
CA CYS A 151 -29.68 4.69 7.44
C CYS A 151 -30.36 3.34 7.57
N GLN A 152 -29.58 2.29 7.78
CA GLN A 152 -30.13 1.06 8.34
C GLN A 152 -30.50 1.33 9.79
N ARG A 153 -31.49 0.62 10.30
CA ARG A 153 -31.94 0.82 11.67
C ARG A 153 -30.80 0.55 12.64
N LYS A 154 -30.56 1.51 13.53
CA LYS A 154 -29.57 1.46 14.60
C LYS A 154 -28.12 1.62 14.15
N GLN A 155 -27.88 1.92 12.86
CA GLN A 155 -26.48 2.09 12.42
C GLN A 155 -25.98 3.49 12.81
N PRO A 156 -24.65 3.63 12.98
CA PRO A 156 -24.18 5.01 13.15
C PRO A 156 -24.47 5.85 11.90
N CYS A 157 -24.82 7.12 12.08
CA CYS A 157 -25.09 8.00 10.95
C CYS A 157 -23.93 8.95 10.64
N LYS A 158 -23.02 9.12 11.60
CA LYS A 158 -21.88 10.00 11.37
C LYS A 158 -20.76 9.56 12.26
N LEU A 159 -19.55 9.57 11.72
CA LEU A 159 -18.37 9.18 12.52
C LEU A 159 -17.45 10.41 12.67
N PHE A 160 -16.77 10.51 13.82
CA PHE A 160 -15.90 11.67 14.12
C PHE A 160 -14.53 11.15 14.50
N THR A 161 -13.51 11.79 13.96
CA THR A 161 -12.13 11.50 14.35
C THR A 161 -11.59 12.78 14.97
N VAL A 162 -11.26 12.73 16.26
CA VAL A 162 -10.97 13.94 17.02
C VAL A 162 -9.53 13.91 17.51
N ARG A 163 -8.71 14.81 16.97
CA ARG A 163 -7.29 14.88 17.41
C ARG A 163 -7.12 16.08 18.32
N LYS A 164 -6.69 15.86 19.55
CA LYS A 164 -6.46 16.97 20.47
C LYS A 164 -5.24 17.76 19.96
N ARG A 165 -5.44 19.06 19.72
CA ARG A 165 -4.33 19.94 19.30
C ARG A 165 -3.84 20.79 20.47
N GLN A 166 -4.80 21.33 21.20
CA GLN A 166 -4.59 22.19 22.37
C GLN A 166 -5.66 21.81 23.39
N GLU A 167 -5.54 22.32 24.62
CA GLU A 167 -6.55 21.94 25.62
C GLU A 167 -7.98 22.32 25.19
N PHE A 168 -8.12 23.44 24.47
CA PHE A 168 -9.42 23.94 24.02
C PHE A 168 -9.51 24.07 22.49
N LEU A 169 -8.78 23.20 21.81
CA LEU A 169 -8.86 23.11 20.36
C LEU A 169 -8.60 21.67 19.86
N ASP A 170 -9.56 21.13 19.10
CA ASP A 170 -9.36 19.87 18.38
C ASP A 170 -9.32 20.06 16.88
N GLU A 171 -8.64 19.14 16.21
CA GLU A 171 -8.67 19.02 14.76
C GLU A 171 -9.55 17.79 14.47
N VAL A 172 -10.65 18.00 13.76
CA VAL A 172 -11.67 16.97 13.63
C VAL A 172 -11.97 16.67 12.17
N ASN A 173 -12.04 15.38 11.86
CA ASN A 173 -12.50 14.92 10.56
C ASN A 173 -13.83 14.23 10.73
N ILE A 174 -14.76 14.56 9.84
CA ILE A 174 -16.12 14.01 9.94
C ILE A 174 -16.39 13.07 8.76
N ASN A 175 -17.10 12.00 9.03
CA ASN A 175 -17.55 11.11 7.95
C ASN A 175 -19.03 10.84 8.11
N SER A 176 -19.83 11.54 7.30
CA SER A 176 -21.24 11.29 7.23
C SER A 176 -21.50 9.93 6.57
N LEU A 177 -22.40 9.13 7.16
CA LEU A 177 -22.64 7.78 6.68
C LEU A 177 -24.00 7.63 6.00
N CYS A 178 -25.02 8.27 6.57
CA CYS A 178 -26.39 8.04 6.07
C CYS A 178 -27.35 9.09 6.61
N GLN A 179 -28.52 9.16 5.99
CA GLN A 179 -29.56 10.11 6.39
C GLN A 179 -30.55 9.42 7.29
N CYS A 180 -30.83 10.04 8.43
CA CYS A 180 -31.71 9.41 9.39
C CYS A 180 -33.14 9.40 8.91
N PRO A 181 -33.92 8.42 9.42
CA PRO A 181 -35.32 8.34 9.03
C PRO A 181 -36.18 9.47 9.64
N LYS A 182 -37.42 9.58 9.15
CA LYS A 182 -38.38 10.54 9.63
C LYS A 182 -38.41 10.67 11.15
N GLY A 183 -38.49 11.90 11.62
CA GLY A 183 -38.51 12.17 13.06
C GLY A 183 -37.18 12.09 13.79
N HIS A 184 -36.12 11.78 13.06
CA HIS A 184 -34.76 11.63 13.62
C HIS A 184 -33.79 12.64 13.03
N ARG A 185 -32.71 12.90 13.77
CA ARG A 185 -31.64 13.78 13.28
C ARG A 185 -30.29 13.16 13.63
N CYS A 186 -29.29 13.43 12.80
CA CYS A 186 -27.95 12.92 13.09
C CYS A 186 -27.17 14.00 13.84
N PRO A 187 -26.51 13.63 14.96
CA PRO A 187 -25.67 14.57 15.72
C PRO A 187 -24.60 15.15 14.81
N SER A 188 -24.34 16.47 14.91
CA SER A 188 -23.34 17.13 14.06
C SER A 188 -22.04 17.43 14.82
N HIS A 189 -22.09 17.28 16.14
CA HIS A 189 -20.91 17.52 16.98
C HIS A 189 -20.70 16.33 17.88
N HIS A 190 -19.44 15.97 18.10
CA HIS A 190 -19.06 14.78 18.89
C HIS A 190 -19.46 14.77 20.35
N THR A 191 -19.80 15.94 20.89
CA THR A 191 -20.20 16.05 22.29
C THR A 191 -21.69 15.92 22.49
N GLN A 192 -22.45 15.84 21.38
CA GLN A 192 -23.91 15.77 21.47
C GLN A 192 -24.41 14.47 22.09
N SER A 193 -25.67 14.48 22.53
CA SER A 193 -26.31 13.25 22.97
C SER A 193 -26.42 12.30 21.78
N GLY A 194 -26.25 11.01 22.04
CA GLY A 194 -26.34 10.02 20.98
C GLY A 194 -25.02 9.79 20.27
N VAL A 195 -23.96 10.41 20.79
CA VAL A 195 -22.62 10.16 20.27
C VAL A 195 -21.83 9.36 21.30
N ILE A 196 -21.36 8.20 20.88
CA ILE A 196 -20.63 7.26 21.72
C ILE A 196 -19.12 7.34 21.46
N ALA A 197 -18.36 7.61 22.52
CA ALA A 197 -16.89 7.61 22.45
C ALA A 197 -16.34 6.23 22.10
N GLY A 198 -15.45 6.17 21.11
CA GLY A 198 -14.75 4.95 20.78
C GLY A 198 -13.36 4.95 21.41
N GLU A 199 -12.50 4.09 20.89
CA GLU A 199 -11.12 3.98 21.38
C GLU A 199 -10.23 5.05 20.75
N SER A 200 -9.07 5.27 21.36
CA SER A 200 -7.98 6.01 20.73
C SER A 200 -7.50 5.22 19.50
N PHE A 201 -7.00 5.95 18.51
CA PHE A 201 -6.63 5.38 17.22
C PHE A 201 -5.35 6.03 16.75
N LEU A 202 -4.31 5.22 16.55
CA LEU A 202 -3.00 5.65 16.03
C LEU A 202 -2.17 6.39 17.07
N GLU A 203 -2.78 7.35 17.75
CA GLU A 203 -2.09 8.12 18.78
C GLU A 203 -3.01 8.31 19.97
N ASP A 204 -2.42 8.48 21.16
CA ASP A 204 -3.20 8.70 22.37
C ASP A 204 -4.17 9.87 22.25
N ASN A 205 -3.77 10.91 21.51
CA ASN A 205 -4.59 12.11 21.45
C ASN A 205 -5.58 12.13 20.28
N ILE A 206 -5.79 10.98 19.63
CA ILE A 206 -6.77 10.85 18.53
C ILE A 206 -7.82 9.85 18.98
N GLN A 207 -9.08 10.27 18.96
CA GLN A 207 -10.17 9.43 19.43
C GLN A 207 -11.31 9.46 18.40
N THR A 208 -11.90 8.30 18.17
CA THR A 208 -13.07 8.25 17.31
C THR A 208 -14.34 8.23 18.17
N TYR A 209 -15.41 8.75 17.59
CA TYR A 209 -16.76 8.82 18.19
C TYR A 209 -17.73 8.39 17.10
N SER A 210 -18.83 7.75 17.48
CA SER A 210 -19.89 7.38 16.52
C SER A 210 -21.20 7.98 16.95
N GLY A 211 -21.82 8.77 16.07
CA GLY A 211 -23.14 9.34 16.31
C GLY A 211 -24.23 8.46 15.70
N TYR A 212 -25.38 8.45 16.38
CA TYR A 212 -26.51 7.61 16.01
C TYR A 212 -27.74 8.48 15.83
N CYS A 213 -28.75 7.98 15.11
CA CYS A 213 -29.89 8.82 14.83
C CYS A 213 -30.66 9.01 16.11
N MET A 214 -30.99 10.26 16.38
CA MET A 214 -31.65 10.67 17.62
C MET A 214 -33.00 11.31 17.35
N ALA A 215 -33.90 11.27 18.31
CA ALA A 215 -35.18 11.92 18.15
C ALA A 215 -35.01 13.42 17.89
N ASN A 216 -35.78 13.97 16.95
CA ASN A 216 -35.84 15.42 16.75
C ASN A 216 -36.10 16.20 18.05
N ASP A 217 -37.00 15.66 18.87
CA ASP A 217 -37.43 16.25 20.14
C ASP A 217 -37.23 15.25 21.27
N ASP B 10 -3.75 -1.31 14.84
CA ASP B 10 -3.15 -2.54 14.23
C ASP B 10 -3.04 -2.36 12.71
N ARG B 11 -2.03 -2.99 12.13
CA ARG B 11 -1.78 -2.89 10.70
C ARG B 11 -2.86 -3.59 9.89
N ASP B 12 -3.09 -3.09 8.66
CA ASP B 12 -4.08 -3.72 7.82
C ASP B 12 -3.51 -4.92 7.08
N VAL B 13 -3.48 -6.04 7.81
CA VAL B 13 -3.00 -7.30 7.26
C VAL B 13 -4.12 -7.93 6.43
N ARG B 14 -4.00 -7.82 5.11
CA ARG B 14 -5.07 -8.28 4.21
C ARG B 14 -5.00 -9.79 3.99
N ILE B 15 -6.16 -10.43 3.85
CA ILE B 15 -6.22 -11.86 3.54
C ILE B 15 -6.79 -11.96 2.14
N LEU B 16 -5.97 -12.52 1.25
CA LEU B 16 -6.33 -12.71 -0.14
C LEU B 16 -6.36 -14.21 -0.41
N TYR B 17 -6.89 -14.58 -1.57
CA TYR B 17 -7.09 -15.97 -1.94
C TYR B 17 -6.50 -16.21 -3.31
N GLN B 18 -5.76 -17.30 -3.51
CA GLN B 18 -5.18 -17.54 -4.85
C GLN B 18 -6.24 -17.75 -5.94
N VAL B 19 -7.43 -18.14 -5.52
CA VAL B 19 -8.56 -18.32 -6.43
C VAL B 19 -9.82 -18.02 -5.62
N GLY B 20 -10.83 -17.46 -6.29
CA GLY B 20 -12.05 -17.07 -5.59
C GLY B 20 -11.80 -16.03 -4.49
N ASP B 21 -12.61 -16.09 -3.43
CA ASP B 21 -12.58 -15.04 -2.40
C ASP B 21 -12.89 -15.53 -0.99
N SER B 22 -12.91 -16.85 -0.79
CA SER B 22 -13.24 -17.41 0.50
C SER B 22 -12.54 -18.74 0.68
N GLU B 23 -12.50 -19.21 1.91
CA GLU B 23 -11.92 -20.51 2.24
C GLU B 23 -12.52 -21.63 1.38
N GLU B 24 -13.84 -21.57 1.20
CA GLU B 24 -14.59 -22.61 0.51
C GLU B 24 -14.17 -22.76 -0.96
N ASP B 25 -13.65 -21.68 -1.55
CA ASP B 25 -13.21 -21.63 -2.95
C ASP B 25 -11.85 -22.27 -3.18
N LEU B 26 -11.10 -22.52 -2.10
CA LEU B 26 -9.74 -23.06 -2.21
C LEU B 26 -9.72 -24.57 -2.38
N PRO B 27 -8.69 -25.09 -3.07
CA PRO B 27 -8.48 -26.54 -3.10
C PRO B 27 -7.97 -27.07 -1.78
N VAL B 28 -8.07 -28.38 -1.61
CA VAL B 28 -7.42 -29.05 -0.50
C VAL B 28 -5.91 -29.22 -0.75
N CYS B 29 -5.07 -28.92 0.25
CA CYS B 29 -3.63 -29.06 0.09
C CYS B 29 -3.18 -30.51 -0.14
N ALA B 30 -2.33 -30.70 -1.15
CA ALA B 30 -1.55 -31.93 -1.27
C ALA B 30 -0.52 -32.03 -0.15
N PRO B 31 0.00 -33.25 0.11
CA PRO B 31 1.07 -33.34 1.08
C PRO B 31 2.23 -32.41 0.72
N ASN B 32 2.76 -31.76 1.74
CA ASN B 32 3.88 -30.83 1.58
C ASN B 32 3.63 -29.63 0.66
N ALA B 33 2.37 -29.30 0.41
CA ALA B 33 2.07 -28.05 -0.35
C ALA B 33 2.11 -26.85 0.60
N VAL B 34 2.60 -25.72 0.08
CA VAL B 34 2.53 -24.48 0.81
C VAL B 34 1.06 -24.10 0.91
N CYS B 35 0.58 -23.83 2.13
CA CYS B 35 -0.83 -23.57 2.26
C CYS B 35 -1.19 -22.06 2.24
N SER B 36 -0.21 -21.23 2.63
CA SER B 36 -0.38 -19.75 2.54
C SER B 36 0.96 -19.16 2.26
N LYS B 37 0.93 -18.03 1.55
CA LYS B 37 2.14 -17.24 1.32
C LYS B 37 1.97 -15.94 2.06
N ILE B 38 2.95 -15.56 2.87
CA ILE B 38 2.89 -14.29 3.59
C ILE B 38 3.95 -13.38 2.99
N ASP B 39 3.50 -12.18 2.59
CA ASP B 39 4.39 -11.18 1.97
C ASP B 39 4.74 -10.14 3.03
N LEU B 40 6.03 -9.97 3.34
CA LEU B 40 6.46 -9.04 4.40
C LEU B 40 7.30 -7.89 3.84
N TYR B 41 7.14 -7.62 2.56
CA TYR B 41 7.86 -6.48 1.95
C TYR B 41 7.44 -5.12 2.49
N GLU B 42 6.16 -4.92 2.73
CA GLU B 42 5.66 -3.61 3.18
C GLU B 42 4.69 -3.84 4.34
N THR B 43 3.39 -3.63 4.16
CA THR B 43 2.43 -4.04 5.18
C THR B 43 2.13 -5.52 4.92
N PRO B 44 2.33 -6.41 5.93
CA PRO B 44 2.14 -7.84 5.71
C PRO B 44 0.78 -8.16 5.14
N TRP B 45 0.77 -9.11 4.23
CA TRP B 45 -0.47 -9.70 3.79
C TRP B 45 -0.31 -11.19 3.56
N ILE B 46 -1.45 -11.87 3.56
CA ILE B 46 -1.46 -13.32 3.42
C ILE B 46 -2.23 -13.68 2.17
N GLU B 47 -1.68 -14.57 1.34
CA GLU B 47 -2.44 -15.12 0.25
C GLU B 47 -2.68 -16.59 0.51
N ARG B 48 -3.95 -16.94 0.66
CA ARG B 48 -4.32 -18.32 0.94
C ARG B 48 -4.17 -19.16 -0.32
N GLN B 49 -3.51 -20.32 -0.19
CA GLN B 49 -3.29 -21.22 -1.34
C GLN B 49 -4.23 -22.42 -1.32
N CYS B 50 -4.36 -23.06 -0.16
CA CYS B 50 -5.17 -24.27 -0.08
C CYS B 50 -5.59 -24.51 1.37
N ARG B 51 -6.53 -25.44 1.53
CA ARG B 51 -7.00 -25.82 2.87
C ARG B 51 -6.32 -27.10 3.33
N CYS B 52 -5.77 -27.09 4.54
CA CYS B 52 -5.03 -28.26 5.03
C CYS B 52 -5.98 -29.41 5.26
N PRO B 53 -5.54 -30.62 4.86
CA PRO B 53 -6.38 -31.81 5.12
C PRO B 53 -6.28 -32.35 6.55
N ASP B 54 -7.14 -33.33 6.84
CA ASP B 54 -7.01 -34.15 8.04
C ASP B 54 -7.19 -33.40 9.36
N GLY B 55 -7.93 -32.32 9.30
CA GLY B 55 -8.34 -31.61 10.51
C GLY B 55 -7.41 -30.49 10.89
N ARG B 56 -6.30 -30.36 10.18
CA ARG B 56 -5.34 -29.29 10.44
C ARG B 56 -5.83 -27.99 9.81
N THR B 57 -5.26 -26.88 10.26
CA THR B 57 -5.62 -25.54 9.77
C THR B 57 -4.34 -24.86 9.34
N CYS B 58 -4.34 -24.20 8.20
CA CYS B 58 -3.13 -23.50 7.77
C CYS B 58 -2.74 -22.41 8.78
N PRO B 59 -1.48 -22.43 9.25
CA PRO B 59 -1.00 -21.40 10.20
C PRO B 59 -1.07 -20.00 9.60
N SER B 60 -1.41 -19.00 10.41
CA SER B 60 -1.55 -17.66 9.84
C SER B 60 -0.70 -16.57 10.52
N SER B 61 0.13 -16.97 11.47
CA SER B 61 1.00 -15.99 12.10
C SER B 61 2.04 -15.48 11.10
N LEU B 62 2.50 -14.25 11.32
CA LEU B 62 3.39 -13.57 10.37
C LEU B 62 4.89 -13.86 10.57
N GLY B 63 5.23 -14.50 11.67
CA GLY B 63 6.61 -14.83 11.95
C GLY B 63 6.93 -16.28 11.64
N VAL B 64 8.13 -16.69 12.07
CA VAL B 64 8.62 -18.04 11.83
C VAL B 64 8.51 -18.92 13.08
N GLU B 65 8.12 -18.32 14.21
CA GLU B 65 8.18 -19.04 15.49
C GLU B 65 7.05 -20.04 15.72
N ASP B 66 6.17 -20.21 14.74
CA ASP B 66 5.14 -21.25 14.87
C ASP B 66 5.64 -22.65 14.47
N GLY B 67 6.82 -22.72 13.85
CA GLY B 67 7.43 -23.99 13.44
C GLY B 67 6.84 -24.58 12.16
N HIS B 68 6.02 -23.80 11.49
CA HIS B 68 5.42 -24.26 10.24
C HIS B 68 5.83 -23.36 9.07
N THR B 69 6.96 -22.67 9.20
CA THR B 69 7.28 -21.59 8.28
C THR B 69 8.63 -21.76 7.59
N ILE B 70 8.65 -21.52 6.28
CA ILE B 70 9.92 -21.42 5.57
C ILE B 70 10.06 -20.00 5.07
N ALA B 71 11.17 -19.35 5.44
CA ALA B 71 11.43 -17.98 5.00
C ALA B 71 12.28 -17.97 3.73
N ASP B 72 11.91 -17.13 2.77
CA ASP B 72 12.76 -16.84 1.62
C ASP B 72 12.60 -15.38 1.17
N LYS B 73 13.71 -14.65 1.15
CA LYS B 73 13.65 -13.20 0.86
C LYS B 73 12.52 -12.53 1.67
N THR B 74 11.57 -11.87 1.01
CA THR B 74 10.56 -11.07 1.70
C THR B 74 9.28 -11.86 1.97
N ARG B 75 9.36 -13.18 1.79
CA ARG B 75 8.18 -14.05 1.94
C ARG B 75 8.38 -15.15 2.98
N HIS B 76 7.25 -15.52 3.59
CA HIS B 76 7.18 -16.70 4.43
C HIS B 76 6.20 -17.67 3.84
N TYR B 77 6.59 -18.94 3.78
CA TYR B 77 5.69 -19.97 3.23
C TYR B 77 5.21 -20.81 4.37
N LYS B 78 3.88 -20.94 4.52
CA LYS B 78 3.29 -21.68 5.65
C LYS B 78 2.96 -23.10 5.18
N MET B 79 3.21 -24.09 6.05
CA MET B 79 2.99 -25.49 5.71
C MET B 79 1.99 -26.07 6.68
N CYS B 80 1.28 -27.10 6.25
CA CYS B 80 0.25 -27.70 7.13
C CYS B 80 0.91 -28.44 8.30
N GLN B 81 2.06 -29.06 8.04
CA GLN B 81 2.81 -29.79 9.08
C GLN B 81 4.12 -29.06 9.42
N PRO B 82 4.71 -29.34 10.60
CA PRO B 82 5.94 -28.66 11.01
C PRO B 82 7.11 -28.86 10.06
N VAL B 83 7.92 -27.82 9.89
CA VAL B 83 8.96 -27.86 8.87
C VAL B 83 10.23 -28.63 9.27
N HIS B 84 10.42 -28.87 10.57
CA HIS B 84 11.60 -29.61 11.06
C HIS B 84 11.68 -31.02 10.48
N LYS B 85 10.54 -31.54 10.01
CA LYS B 85 10.47 -32.85 9.36
C LYS B 85 11.13 -32.87 7.98
N LEU B 86 11.31 -31.70 7.38
CA LEU B 86 11.96 -31.64 6.07
C LEU B 86 13.48 -31.61 6.23
N PRO B 87 14.21 -32.35 5.36
CA PRO B 87 15.68 -32.27 5.27
C PRO B 87 16.19 -30.90 4.83
N VAL B 88 17.45 -30.58 5.15
CA VAL B 88 18.10 -29.37 4.67
C VAL B 88 18.65 -29.63 3.28
N CYS B 89 18.39 -28.72 2.34
CA CYS B 89 18.88 -28.87 0.97
C CYS B 89 20.39 -28.71 0.92
N LYS B 90 21.03 -29.45 0.03
CA LYS B 90 22.37 -29.11 -0.41
C LYS B 90 22.27 -28.00 -1.44
N HIS B 91 23.10 -26.98 -1.29
CA HIS B 91 23.16 -25.92 -2.28
C HIS B 91 23.30 -26.47 -3.70
N PHE B 92 22.59 -25.84 -4.65
CA PHE B 92 22.65 -26.14 -6.09
C PHE B 92 21.99 -27.44 -6.55
N ARG B 93 22.26 -28.54 -5.87
CA ARG B 93 21.85 -29.85 -6.34
C ARG B 93 20.42 -30.26 -6.00
N ASP B 94 19.93 -29.84 -4.83
CA ASP B 94 18.64 -30.28 -4.33
C ASP B 94 17.56 -29.27 -4.69
N TYR B 95 16.37 -29.75 -4.98
CA TYR B 95 15.25 -28.84 -5.27
C TYR B 95 14.47 -28.58 -3.99
N THR B 96 14.49 -27.33 -3.54
CA THR B 96 13.78 -26.96 -2.32
C THR B 96 12.27 -27.08 -2.53
N TRP B 97 11.83 -26.64 -3.70
CA TRP B 97 10.40 -26.74 -4.03
C TRP B 97 10.14 -26.76 -5.52
N THR B 98 8.94 -27.20 -5.87
CA THR B 98 8.49 -27.18 -7.26
C THR B 98 7.19 -26.40 -7.39
N LEU B 99 6.97 -25.88 -8.59
CA LEU B 99 5.73 -25.18 -8.88
C LEU B 99 5.07 -25.84 -10.08
N THR B 100 3.75 -26.02 -10.00
CA THR B 100 2.93 -26.35 -11.18
C THR B 100 1.68 -25.47 -11.20
N THR B 101 1.09 -25.31 -12.36
CA THR B 101 -0.15 -24.56 -12.46
C THR B 101 -1.19 -25.42 -13.17
N ALA B 102 -2.41 -25.41 -12.65
CA ALA B 102 -3.54 -26.01 -13.35
C ALA B 102 -4.31 -24.87 -14.01
N ALA B 103 -4.00 -24.61 -15.28
CA ALA B 103 -4.54 -23.47 -16.03
C ALA B 103 -6.05 -23.37 -16.06
N GLU B 104 -6.74 -24.51 -16.14
CA GLU B 104 -8.21 -24.50 -16.15
C GLU B 104 -8.81 -24.14 -14.78
N LEU B 105 -8.05 -24.39 -13.72
CA LEU B 105 -8.52 -24.14 -12.36
C LEU B 105 -7.99 -22.83 -11.78
N ASN B 106 -7.09 -22.18 -12.52
CA ASN B 106 -6.37 -20.97 -12.06
C ASN B 106 -5.72 -21.17 -10.67
N VAL B 107 -5.11 -22.34 -10.48
CA VAL B 107 -4.54 -22.78 -9.21
C VAL B 107 -3.06 -23.14 -9.42
N THR B 108 -2.21 -22.67 -8.51
CA THR B 108 -0.81 -23.03 -8.50
C THR B 108 -0.57 -23.92 -7.28
N GLU B 109 0.33 -24.91 -7.41
CA GLU B 109 0.69 -25.79 -6.29
C GLU B 109 2.20 -25.71 -6.10
N GLN B 110 2.64 -25.50 -4.87
CA GLN B 110 4.07 -25.38 -4.55
C GLN B 110 4.34 -26.49 -3.56
N ILE B 111 5.11 -27.48 -4.00
CA ILE B 111 5.40 -28.64 -3.16
C ILE B 111 6.82 -28.45 -2.66
N VAL B 112 7.01 -28.59 -1.34
CA VAL B 112 8.30 -28.34 -0.70
C VAL B 112 8.94 -29.68 -0.39
N HIS B 113 10.21 -29.81 -0.75
CA HIS B 113 10.96 -31.05 -0.58
C HIS B 113 12.03 -30.96 0.47
N CYS B 114 12.61 -29.77 0.62
CA CYS B 114 13.68 -29.51 1.59
C CYS B 114 13.77 -28.04 1.94
N ARG B 115 14.43 -27.74 3.05
CA ARG B 115 14.63 -26.38 3.51
C ARG B 115 16.02 -25.90 3.09
N CYS B 116 16.12 -24.71 2.49
CA CYS B 116 17.44 -24.16 2.17
C CYS B 116 18.20 -23.84 3.44
N PRO B 117 19.54 -23.98 3.39
CA PRO B 117 20.38 -23.55 4.50
C PRO B 117 20.19 -22.06 4.83
N ARG B 118 20.64 -21.63 6.00
CA ARG B 118 20.71 -20.21 6.29
C ARG B 118 21.62 -19.49 5.30
N ASN B 119 21.31 -18.22 5.04
CA ASN B 119 22.10 -17.40 4.10
C ASN B 119 22.04 -17.98 2.68
N SER B 120 20.84 -18.38 2.29
CA SER B 120 20.57 -18.92 0.97
C SER B 120 19.54 -18.08 0.22
N VAL B 121 19.53 -18.20 -1.09
CA VAL B 121 18.46 -17.66 -1.90
C VAL B 121 17.98 -18.77 -2.84
N THR B 122 16.70 -18.77 -3.12
CA THR B 122 16.10 -19.77 -4.02
C THR B 122 16.12 -19.21 -5.43
N TYR B 123 16.18 -20.12 -6.40
CA TYR B 123 16.17 -19.70 -7.79
C TYR B 123 15.63 -20.79 -8.70
N LEU B 124 15.02 -20.36 -9.79
CA LEU B 124 14.52 -21.29 -10.77
C LEU B 124 15.65 -21.92 -11.57
N THR B 125 15.69 -23.25 -11.55
CA THR B 125 16.83 -23.98 -12.12
C THR B 125 16.55 -24.96 -13.23
N LYS B 126 15.39 -25.61 -13.22
CA LYS B 126 15.12 -26.66 -14.20
C LYS B 126 13.62 -26.74 -14.42
N ARG B 127 13.25 -27.48 -15.45
CA ARG B 127 11.85 -27.80 -15.71
C ARG B 127 11.77 -29.22 -16.21
N GLU B 128 10.63 -29.85 -16.02
CA GLU B 128 10.39 -31.18 -16.57
C GLU B 128 8.90 -31.26 -16.86
N PRO B 129 8.50 -32.15 -17.78
CA PRO B 129 7.07 -32.32 -17.95
C PRO B 129 6.44 -32.81 -16.65
N ILE B 130 5.24 -32.32 -16.34
CA ILE B 130 4.52 -32.74 -15.14
C ILE B 130 4.33 -34.25 -15.15
N GLY B 131 3.95 -34.77 -16.32
CA GLY B 131 3.79 -36.20 -16.49
C GLY B 131 2.91 -36.53 -17.68
N ASN B 132 2.68 -37.83 -17.87
CA ASN B 132 2.00 -38.35 -19.06
C ASN B 132 0.55 -37.87 -19.18
N ASP B 133 -0.16 -37.76 -18.05
CA ASP B 133 -1.60 -37.43 -18.05
C ASP B 133 -1.95 -35.94 -17.82
N SER B 134 -1.01 -35.17 -17.26
CA SER B 134 -1.25 -33.75 -16.99
C SER B 134 -0.53 -32.86 -18.02
N PRO B 135 -1.09 -31.68 -18.34
CA PRO B 135 -0.44 -30.80 -19.28
C PRO B 135 0.59 -29.86 -18.65
N GLY B 136 1.65 -29.58 -19.41
CA GLY B 136 2.63 -28.57 -19.02
C GLY B 136 3.83 -29.07 -18.24
N TYR B 137 4.53 -28.08 -17.69
CA TYR B 137 5.78 -28.27 -17.00
C TYR B 137 5.70 -28.07 -15.50
N ARG B 138 6.57 -28.79 -14.79
CA ARG B 138 6.87 -28.59 -13.38
C ARG B 138 8.17 -27.82 -13.28
N TYR B 139 8.21 -26.74 -12.51
CA TYR B 139 9.37 -25.87 -12.38
C TYR B 139 10.07 -26.14 -11.06
N LEU B 140 11.39 -26.31 -11.11
CA LEU B 140 12.19 -26.82 -10.00
C LEU B 140 13.11 -25.71 -9.52
N PHE B 141 13.07 -25.45 -8.21
CA PHE B 141 13.82 -24.36 -7.60
C PHE B 141 14.88 -24.92 -6.72
N ALA B 142 16.07 -24.31 -6.77
CA ALA B 142 17.19 -24.75 -5.92
C ALA B 142 17.65 -23.63 -5.00
N CYS B 143 18.66 -23.92 -4.16
CA CYS B 143 19.17 -22.98 -3.15
C CYS B 143 20.60 -22.59 -3.51
N SER B 144 20.92 -21.31 -3.37
CA SER B 144 22.24 -20.76 -3.65
C SER B 144 22.66 -19.87 -2.47
N PRO B 145 23.96 -19.90 -2.10
CA PRO B 145 24.44 -19.03 -1.03
C PRO B 145 24.33 -17.57 -1.41
N LEU B 146 24.14 -16.69 -0.43
CA LEU B 146 24.10 -15.24 -0.67
C LEU B 146 25.38 -14.76 -1.34
N THR B 147 25.25 -13.80 -2.26
CA THR B 147 26.42 -13.28 -3.00
C THR B 147 27.35 -12.46 -2.10
N ARG B 148 28.65 -12.72 -2.21
CA ARG B 148 29.67 -11.88 -1.58
C ARG B 148 30.11 -10.74 -2.51
N LEU B 149 29.43 -10.58 -3.63
CA LEU B 149 29.83 -9.61 -4.65
C LEU B 149 29.78 -8.18 -4.16
N ARG B 150 30.82 -7.42 -4.47
CA ARG B 150 30.87 -6.00 -4.19
C ARG B 150 30.40 -5.23 -5.42
N CYS B 151 29.60 -4.19 -5.19
CA CYS B 151 29.02 -3.43 -6.29
C CYS B 151 30.09 -2.64 -7.03
N GLN B 152 30.01 -2.67 -8.35
CA GLN B 152 30.79 -1.76 -9.20
C GLN B 152 30.21 -0.36 -9.04
N ARG B 153 31.01 0.66 -9.31
CA ARG B 153 30.51 2.03 -9.20
C ARG B 153 29.38 2.28 -10.20
N LYS B 154 28.32 2.92 -9.71
CA LYS B 154 27.11 3.23 -10.50
C LYS B 154 26.29 2.04 -10.99
N GLN B 155 26.60 0.82 -10.54
CA GLN B 155 25.74 -0.31 -10.88
C GLN B 155 24.65 -0.46 -9.83
N PRO B 156 23.46 -0.96 -10.25
CA PRO B 156 22.41 -1.20 -9.26
C PRO B 156 22.79 -2.30 -8.26
N CYS B 157 22.36 -2.14 -7.00
CA CYS B 157 22.59 -3.13 -5.97
C CYS B 157 21.36 -4.03 -5.71
N LYS B 158 20.20 -3.61 -6.19
CA LYS B 158 18.99 -4.40 -6.00
C LYS B 158 17.99 -4.04 -7.09
N LEU B 159 17.25 -5.04 -7.57
CA LEU B 159 16.19 -4.82 -8.54
C LEU B 159 14.87 -5.15 -7.88
N PHE B 160 13.84 -4.41 -8.26
CA PHE B 160 12.49 -4.61 -7.72
C PHE B 160 11.51 -4.84 -8.86
N THR B 161 10.60 -5.78 -8.68
CA THR B 161 9.48 -5.94 -9.64
C THR B 161 8.20 -5.82 -8.83
N VAL B 162 7.40 -4.81 -9.15
CA VAL B 162 6.25 -4.44 -8.32
C VAL B 162 4.98 -4.59 -9.12
N ARG B 163 4.13 -5.52 -8.70
CA ARG B 163 2.84 -5.73 -9.33
C ARG B 163 1.75 -5.11 -8.46
N LYS B 164 1.03 -4.14 -9.02
CA LYS B 164 -0.05 -3.48 -8.29
C LYS B 164 -1.27 -4.42 -8.33
N ARG B 165 -1.49 -5.14 -7.23
CA ARG B 165 -2.62 -6.06 -7.15
C ARG B 165 -3.92 -5.29 -6.84
N GLN B 166 -3.81 -4.35 -5.92
CA GLN B 166 -4.87 -3.40 -5.60
C GLN B 166 -4.20 -2.04 -5.51
N GLU B 167 -4.98 -0.96 -5.45
CA GLU B 167 -4.32 0.36 -5.43
C GLU B 167 -3.35 0.53 -4.26
N PHE B 168 -3.66 -0.12 -3.13
CA PHE B 168 -2.77 -0.04 -1.95
C PHE B 168 -2.22 -1.38 -1.51
N LEU B 169 -2.08 -2.31 -2.46
CA LEU B 169 -1.45 -3.59 -2.17
C LEU B 169 -0.67 -4.07 -3.38
N ASP B 170 0.64 -4.22 -3.20
CA ASP B 170 1.50 -4.70 -4.27
C ASP B 170 2.02 -6.08 -3.92
N GLU B 171 2.29 -6.85 -4.96
CA GLU B 171 3.05 -8.07 -4.82
C GLU B 171 4.42 -7.80 -5.44
N VAL B 172 5.48 -7.97 -4.64
CA VAL B 172 6.80 -7.52 -5.04
C VAL B 172 7.80 -8.67 -4.93
N ASN B 173 8.67 -8.76 -5.92
CA ASN B 173 9.83 -9.66 -5.92
C ASN B 173 11.08 -8.81 -5.91
N ILE B 174 12.03 -9.19 -5.08
CA ILE B 174 13.29 -8.44 -4.99
C ILE B 174 14.44 -9.33 -5.49
N ASN B 175 15.42 -8.70 -6.12
CA ASN B 175 16.63 -9.39 -6.54
C ASN B 175 17.85 -8.58 -6.09
N SER B 176 18.54 -9.06 -5.07
CA SER B 176 19.78 -8.42 -4.61
C SER B 176 20.91 -8.74 -5.60
N LEU B 177 21.75 -7.76 -5.89
CA LEU B 177 22.76 -7.97 -6.92
C LEU B 177 24.16 -7.93 -6.35
N CYS B 178 24.36 -7.09 -5.35
CA CYS B 178 25.71 -6.90 -4.81
C CYS B 178 25.69 -6.14 -3.51
N GLN B 179 26.80 -6.23 -2.77
CA GLN B 179 26.95 -5.58 -1.46
C GLN B 179 27.59 -4.23 -1.69
N CYS B 180 27.01 -3.21 -1.05
CA CYS B 180 27.48 -1.84 -1.22
C CYS B 180 28.79 -1.67 -0.45
N PRO B 181 29.63 -0.69 -0.84
CA PRO B 181 30.85 -0.41 -0.09
C PRO B 181 30.50 -0.08 1.35
N LYS B 182 31.44 -0.25 2.27
CA LYS B 182 31.15 0.08 3.66
C LYS B 182 30.85 1.59 3.76
N GLY B 183 29.93 1.94 4.64
CA GLY B 183 29.48 3.33 4.78
C GLY B 183 28.34 3.70 3.83
N HIS B 184 27.91 2.73 3.03
CA HIS B 184 26.81 2.89 2.07
C HIS B 184 25.75 1.83 2.31
N ARG B 185 24.53 2.14 1.89
CA ARG B 185 23.40 1.25 2.06
C ARG B 185 22.72 1.04 0.72
N CYS B 186 22.21 -0.16 0.53
CA CYS B 186 21.34 -0.45 -0.61
C CYS B 186 19.89 -0.26 -0.19
N PRO B 187 19.10 0.46 -1.02
CA PRO B 187 17.67 0.64 -0.71
C PRO B 187 16.99 -0.73 -0.60
N SER B 188 16.13 -0.89 0.40
CA SER B 188 15.38 -2.14 0.62
C SER B 188 13.92 -2.06 0.18
N HIS B 189 13.48 -0.86 -0.18
CA HIS B 189 12.09 -0.67 -0.62
C HIS B 189 12.13 0.28 -1.84
N HIS B 190 11.22 0.08 -2.77
CA HIS B 190 11.28 0.81 -4.05
C HIS B 190 10.93 2.28 -3.92
N THR B 191 10.47 2.70 -2.75
CA THR B 191 10.18 4.13 -2.53
C THR B 191 11.28 4.85 -1.76
N GLN B 192 12.34 4.12 -1.37
CA GLN B 192 13.45 4.79 -0.69
C GLN B 192 14.30 5.63 -1.64
N SER B 193 15.16 6.48 -1.07
CA SER B 193 16.10 7.24 -1.90
C SER B 193 17.04 6.28 -2.60
N GLY B 194 17.57 6.69 -3.76
CA GLY B 194 18.50 5.86 -4.52
C GLY B 194 17.82 4.90 -5.49
N VAL B 195 16.50 5.07 -5.65
CA VAL B 195 15.75 4.20 -6.55
C VAL B 195 15.31 4.93 -7.83
N ILE B 196 15.44 4.24 -8.95
CA ILE B 196 15.06 4.78 -10.25
C ILE B 196 14.03 3.85 -10.88
N ALA B 197 12.94 4.40 -11.42
CA ALA B 197 11.95 3.56 -12.08
C ALA B 197 12.49 3.03 -13.40
N GLY B 198 12.18 1.78 -13.69
CA GLY B 198 12.67 1.13 -14.89
C GLY B 198 11.60 1.19 -15.95
N GLU B 199 10.99 0.04 -16.23
CA GLU B 199 9.96 -0.09 -17.25
C GLU B 199 8.78 -0.90 -16.76
N SER B 200 7.61 -0.72 -17.41
CA SER B 200 6.53 -1.69 -17.32
C SER B 200 7.01 -2.98 -17.94
N PHE B 201 6.56 -4.10 -17.41
CA PHE B 201 6.95 -5.40 -17.89
C PHE B 201 5.78 -6.39 -17.84
N LEU B 202 5.45 -6.93 -19.00
CA LEU B 202 4.33 -7.86 -19.19
C LEU B 202 2.99 -7.12 -19.17
N GLU B 203 2.67 -6.55 -18.02
CA GLU B 203 1.40 -5.85 -17.83
C GLU B 203 1.63 -4.40 -17.42
N ASP B 204 0.62 -3.55 -17.65
CA ASP B 204 0.72 -2.14 -17.30
C ASP B 204 0.91 -1.91 -15.79
N ASN B 205 0.49 -2.89 -15.00
CA ASN B 205 0.54 -2.78 -13.55
C ASN B 205 1.74 -3.51 -12.93
N ILE B 206 2.69 -3.94 -13.77
CA ILE B 206 3.95 -4.50 -13.28
C ILE B 206 5.06 -3.55 -13.68
N GLN B 207 5.74 -2.99 -12.69
CA GLN B 207 6.73 -1.95 -12.90
C GLN B 207 8.05 -2.42 -12.28
N THR B 208 9.16 -2.24 -13.00
CA THR B 208 10.48 -2.53 -12.40
C THR B 208 11.15 -1.26 -11.87
N TYR B 209 12.05 -1.44 -10.90
CA TYR B 209 12.84 -0.35 -10.33
C TYR B 209 14.24 -0.88 -10.08
N SER B 210 15.21 0.02 -10.11
CA SER B 210 16.61 -0.28 -9.77
C SER B 210 17.04 0.57 -8.60
N GLY B 211 17.66 -0.07 -7.61
CA GLY B 211 18.20 0.64 -6.45
C GLY B 211 19.70 0.71 -6.53
N TYR B 212 20.27 1.81 -6.04
CA TYR B 212 21.70 2.07 -6.15
C TYR B 212 22.25 2.35 -4.77
N CYS B 213 23.53 2.05 -4.57
CA CYS B 213 24.19 2.33 -3.30
C CYS B 213 24.17 3.82 -2.98
N MET B 214 23.74 4.14 -1.77
CA MET B 214 23.67 5.53 -1.31
C MET B 214 24.52 5.69 -0.07
N ALA B 215 25.26 6.79 0.01
CA ALA B 215 26.09 7.07 1.18
C ALA B 215 25.23 7.06 2.44
N ASN B 216 25.79 6.53 3.52
CA ASN B 216 25.17 6.36 4.86
C ASN B 216 24.69 4.94 5.12
N PRO C 3 3.03 1.37 7.76
CA PRO C 3 2.01 0.45 7.24
C PRO C 3 0.66 1.12 7.13
N THR C 4 -0.21 0.52 6.33
CA THR C 4 -1.60 0.91 6.35
C THR C 4 -2.25 0.28 7.57
N TYR C 5 -3.34 0.87 8.03
CA TYR C 5 -3.99 0.45 9.27
C TYR C 5 -5.39 -0.06 9.10
N LYS C 6 -5.73 -1.00 9.98
CA LYS C 6 -7.07 -1.49 10.14
C LYS C 6 -7.95 -0.34 10.59
N CYS C 7 -9.16 -0.25 10.02
CA CYS C 7 -10.17 0.73 10.43
C CYS C 7 -10.74 0.38 11.80
N PRO C 8 -11.09 1.39 12.61
CA PRO C 8 -11.85 1.12 13.82
C PRO C 8 -13.14 0.36 13.55
N GLU C 9 -13.61 -0.37 14.55
CA GLU C 9 -14.77 -1.23 14.38
C GLU C 9 -15.92 -0.57 13.61
N THR C 10 -16.29 0.64 14.01
CA THR C 10 -17.48 1.28 13.45
C THR C 10 -17.24 1.67 11.97
N PHE C 11 -16.00 2.07 11.68
CA PHE C 11 -15.64 2.38 10.30
C PHE C 11 -15.64 1.10 9.49
N ASP C 12 -15.05 0.06 10.05
CA ASP C 12 -14.95 -1.20 9.33
C ASP C 12 -16.31 -1.80 8.98
N ALA C 13 -17.28 -1.59 9.87
CA ALA C 13 -18.61 -2.11 9.66
C ALA C 13 -19.45 -1.31 8.65
N TRP C 14 -19.31 0.02 8.67
CA TRP C 14 -20.29 0.91 8.01
C TRP C 14 -19.77 1.88 6.94
N TYR C 15 -18.47 2.12 6.87
CA TYR C 15 -18.02 3.17 5.97
C TYR C 15 -18.02 2.74 4.50
N CYS C 16 -17.37 1.63 4.18
CA CYS C 16 -17.24 1.19 2.79
C CYS C 16 -18.39 0.31 2.36
N LEU C 17 -18.89 0.59 1.18
CA LEU C 17 -20.08 -0.12 0.71
C LEU C 17 -19.73 -1.17 -0.32
N ASN C 18 -20.73 -2.00 -0.64
CA ASN C 18 -20.62 -2.99 -1.70
C ASN C 18 -19.41 -3.92 -1.54
N ASP C 19 -19.22 -4.39 -0.31
CA ASP C 19 -18.15 -5.32 0.10
C ASP C 19 -16.72 -4.81 -0.10
N ALA C 20 -16.59 -3.49 -0.20
CA ALA C 20 -15.27 -2.86 -0.25
C ALA C 20 -14.54 -2.97 1.08
N HIS C 21 -13.21 -2.86 1.02
CA HIS C 21 -12.38 -3.05 2.20
C HIS C 21 -11.94 -1.70 2.75
N CYS C 22 -12.17 -1.47 4.04
CA CYS C 22 -11.81 -0.21 4.67
C CYS C 22 -10.37 -0.29 5.14
N PHE C 23 -9.63 0.80 4.92
CA PHE C 23 -8.29 0.91 5.52
C PHE C 23 -7.99 2.37 5.83
N ALA C 24 -6.99 2.58 6.67
CA ALA C 24 -6.56 3.93 6.99
C ALA C 24 -5.11 4.12 6.63
N VAL C 25 -4.79 5.25 6.00
CA VAL C 25 -3.39 5.67 5.77
C VAL C 25 -3.10 6.89 6.63
N LYS C 26 -1.99 6.85 7.36
CA LYS C 26 -1.55 7.98 8.14
C LYS C 26 -0.59 8.70 7.22
N ILE C 27 -1.08 9.75 6.57
CA ILE C 27 -0.27 10.45 5.57
C ILE C 27 0.53 11.52 6.29
N ALA C 28 -0.18 12.26 7.14
CA ALA C 28 0.45 13.25 8.00
C ALA C 28 0.33 12.80 9.46
N ASP C 29 -0.69 13.30 10.15
CA ASP C 29 -0.94 12.92 11.53
C ASP C 29 -2.27 12.20 11.76
N LEU C 30 -3.29 12.55 10.97
CA LEU C 30 -4.61 11.94 11.10
C LEU C 30 -4.79 10.77 10.14
N PRO C 31 -5.64 9.79 10.52
CA PRO C 31 -5.89 8.70 9.59
C PRO C 31 -6.69 9.25 8.42
N VAL C 32 -6.33 8.80 7.22
CA VAL C 32 -7.13 9.03 6.03
C VAL C 32 -7.86 7.72 5.71
N TYR C 33 -9.18 7.69 5.94
CA TYR C 33 -9.98 6.50 5.69
C TYR C 33 -10.28 6.33 4.23
N SER C 34 -10.09 5.11 3.74
CA SER C 34 -10.21 4.83 2.33
C SER C 34 -10.91 3.50 2.12
N CYS C 35 -11.46 3.31 0.93
CA CYS C 35 -12.20 2.08 0.57
C CYS C 35 -11.58 1.45 -0.66
N GLU C 36 -11.12 0.22 -0.52
CA GLU C 36 -10.57 -0.54 -1.65
C GLU C 36 -11.77 -1.24 -2.30
N CYS C 37 -12.16 -0.78 -3.48
CA CYS C 37 -13.40 -1.23 -4.10
C CYS C 37 -13.38 -2.65 -4.64
N ALA C 38 -14.51 -3.34 -4.52
CA ALA C 38 -14.71 -4.60 -5.23
C ALA C 38 -14.65 -4.33 -6.73
N ILE C 39 -14.45 -5.38 -7.53
CA ILE C 39 -14.37 -5.21 -8.99
C ILE C 39 -15.67 -4.58 -9.50
N GLY C 40 -15.54 -3.52 -10.30
CA GLY C 40 -16.68 -2.87 -10.95
C GLY C 40 -17.33 -1.75 -10.17
N PHE C 41 -16.70 -1.35 -9.06
CA PHE C 41 -17.22 -0.27 -8.22
C PHE C 41 -16.21 0.85 -8.08
N MET C 42 -16.74 2.04 -7.79
CA MET C 42 -15.92 3.24 -7.67
C MET C 42 -16.55 4.28 -6.74
N GLY C 43 -15.75 5.27 -6.36
CA GLY C 43 -16.19 6.35 -5.48
C GLY C 43 -15.61 6.27 -4.08
N GLN C 44 -15.85 7.32 -3.30
CA GLN C 44 -15.35 7.49 -1.94
C GLN C 44 -15.68 6.27 -1.09
N ARG C 45 -16.93 5.79 -1.20
CA ARG C 45 -17.31 4.61 -0.40
C ARG C 45 -17.64 3.42 -1.29
N CYS C 46 -17.15 3.47 -2.53
CA CYS C 46 -17.37 2.42 -3.54
C CYS C 46 -18.84 2.21 -3.82
N GLU C 47 -19.58 3.32 -3.81
CA GLU C 47 -21.03 3.26 -3.92
C GLU C 47 -21.52 3.31 -5.36
N TYR C 48 -20.63 3.54 -6.30
CA TYR C 48 -21.03 3.66 -7.70
C TYR C 48 -20.56 2.49 -8.53
N LYS C 49 -21.39 2.07 -9.47
CA LYS C 49 -21.03 1.04 -10.42
C LYS C 49 -20.32 1.70 -11.61
N GLU C 50 -19.27 1.07 -12.12
CA GLU C 50 -18.54 1.57 -13.29
C GLU C 50 -19.28 1.23 -14.57
N PRO D 3 6.54 -20.34 -23.53
CA PRO D 3 5.97 -19.12 -22.97
C PRO D 3 7.00 -18.22 -22.26
N THR D 4 8.29 -18.39 -22.55
CA THR D 4 9.32 -17.63 -21.87
C THR D 4 9.42 -16.22 -22.45
N TYR D 5 9.80 -15.26 -21.61
CA TYR D 5 9.92 -13.88 -22.04
C TYR D 5 11.33 -13.34 -21.90
N LYS D 6 11.61 -12.34 -22.74
CA LYS D 6 12.80 -11.54 -22.67
C LYS D 6 12.72 -10.68 -21.42
N CYS D 7 13.87 -10.48 -20.76
CA CYS D 7 13.94 -9.69 -19.54
C CYS D 7 13.86 -8.20 -19.83
N PRO D 8 13.43 -7.39 -18.84
CA PRO D 8 13.51 -5.93 -18.98
C PRO D 8 14.97 -5.46 -18.99
N GLU D 9 15.21 -4.29 -19.57
CA GLU D 9 16.55 -3.78 -19.85
C GLU D 9 17.55 -3.90 -18.70
N THR D 10 17.16 -3.49 -17.51
CA THR D 10 18.10 -3.47 -16.38
C THR D 10 18.39 -4.88 -15.92
N PHE D 11 17.39 -5.75 -15.98
CA PHE D 11 17.62 -7.17 -15.70
C PHE D 11 18.59 -7.75 -16.72
N ASP D 12 18.33 -7.47 -17.99
CA ASP D 12 19.17 -7.92 -19.08
C ASP D 12 20.60 -7.43 -18.86
N ALA D 13 20.73 -6.16 -18.48
CA ALA D 13 22.04 -5.55 -18.29
C ALA D 13 22.80 -6.04 -17.07
N TRP D 14 22.09 -6.28 -15.95
CA TRP D 14 22.80 -6.50 -14.68
C TRP D 14 22.56 -7.82 -13.94
N TYR D 15 21.48 -8.54 -14.24
CA TYR D 15 21.12 -9.67 -13.39
C TYR D 15 22.02 -10.90 -13.55
N CYS D 16 22.14 -11.41 -14.78
CA CYS D 16 22.85 -12.67 -14.97
C CYS D 16 24.35 -12.47 -15.18
N LEU D 17 25.14 -13.26 -14.49
CA LEU D 17 26.60 -13.07 -14.57
C LEU D 17 27.23 -14.07 -15.52
N ASN D 18 28.51 -13.84 -15.84
CA ASN D 18 29.32 -14.80 -16.60
C ASN D 18 28.66 -15.16 -17.92
N ASP D 19 28.12 -14.14 -18.59
CA ASP D 19 27.50 -14.20 -19.92
C ASP D 19 26.33 -15.16 -19.99
N ALA D 20 25.72 -15.45 -18.85
CA ALA D 20 24.45 -16.20 -18.82
C ALA D 20 23.30 -15.39 -19.44
N HIS D 21 22.24 -16.08 -19.82
CA HIS D 21 21.15 -15.45 -20.49
C HIS D 21 19.98 -15.24 -19.55
N CYS D 22 19.50 -14.00 -19.47
CA CYS D 22 18.32 -13.69 -18.62
C CYS D 22 17.03 -14.02 -19.36
N PHE D 23 16.05 -14.55 -18.62
CA PHE D 23 14.72 -14.76 -19.20
C PHE D 23 13.71 -14.78 -18.06
N ALA D 24 12.43 -14.62 -18.40
CA ALA D 24 11.37 -14.69 -17.40
C ALA D 24 10.33 -15.73 -17.77
N VAL D 25 9.82 -16.42 -16.75
CA VAL D 25 8.67 -17.32 -16.87
C VAL D 25 7.54 -16.72 -16.04
N LYS D 26 6.34 -16.68 -16.60
CA LYS D 26 5.19 -16.19 -15.87
C LYS D 26 4.51 -17.41 -15.25
N ILE D 27 4.64 -17.55 -13.93
CA ILE D 27 4.08 -18.72 -13.25
C ILE D 27 2.72 -18.43 -12.61
N ALA D 28 2.67 -17.44 -11.72
CA ALA D 28 1.41 -17.00 -11.11
C ALA D 28 1.25 -15.48 -11.11
N ASP D 29 1.06 -14.90 -12.30
CA ASP D 29 0.88 -13.46 -12.50
C ASP D 29 2.13 -12.60 -12.27
N LEU D 30 3.13 -13.14 -11.58
CA LEU D 30 4.42 -12.46 -11.44
C LEU D 30 5.46 -13.11 -12.33
N PRO D 31 6.35 -12.30 -12.94
CA PRO D 31 7.42 -12.99 -13.67
C PRO D 31 8.41 -13.60 -12.68
N VAL D 32 8.94 -14.76 -13.02
CA VAL D 32 10.06 -15.36 -12.28
C VAL D 32 11.24 -15.24 -13.23
N TYR D 33 12.26 -14.52 -12.80
CA TYR D 33 13.49 -14.36 -13.59
C TYR D 33 14.44 -15.51 -13.34
N SER D 34 15.21 -15.85 -14.38
CA SER D 34 16.15 -16.93 -14.23
C SER D 34 17.28 -16.63 -15.18
N CYS D 35 18.41 -17.27 -14.92
CA CYS D 35 19.58 -17.15 -15.78
C CYS D 35 19.92 -18.50 -16.33
N GLU D 36 19.98 -18.61 -17.65
CA GLU D 36 20.39 -19.84 -18.31
C GLU D 36 21.91 -19.78 -18.37
N CYS D 37 22.58 -20.64 -17.62
CA CYS D 37 24.04 -20.52 -17.48
C CYS D 37 24.80 -20.93 -18.73
N ALA D 38 25.88 -20.21 -19.06
CA ALA D 38 26.80 -20.70 -20.07
C ALA D 38 27.43 -21.96 -19.51
N ILE D 39 27.95 -22.83 -20.38
CA ILE D 39 28.53 -24.08 -19.91
C ILE D 39 29.61 -23.83 -18.86
N GLY D 40 29.55 -24.56 -17.75
CA GLY D 40 30.59 -24.46 -16.71
C GLY D 40 30.18 -23.66 -15.47
N PHE D 41 28.96 -23.13 -15.48
CA PHE D 41 28.50 -22.31 -14.35
C PHE D 41 27.21 -22.82 -13.70
N MET D 42 26.95 -22.33 -12.48
CA MET D 42 25.76 -22.75 -11.73
C MET D 42 25.41 -21.69 -10.71
N GLY D 43 24.23 -21.80 -10.14
CA GLY D 43 23.76 -20.84 -9.15
C GLY D 43 22.76 -19.83 -9.68
N GLN D 44 22.16 -19.06 -8.77
CA GLN D 44 21.06 -18.15 -9.10
C GLN D 44 21.40 -17.19 -10.27
N ARG D 45 22.59 -16.62 -10.23
CA ARG D 45 22.95 -15.68 -11.27
C ARG D 45 24.10 -16.26 -12.10
N CYS D 46 24.30 -17.58 -11.98
CA CYS D 46 25.34 -18.32 -12.74
C CYS D 46 26.69 -17.81 -12.28
N GLU D 47 26.75 -17.42 -11.01
CA GLU D 47 27.95 -16.78 -10.48
C GLU D 47 29.05 -17.80 -10.18
N TYR D 48 28.67 -19.04 -9.89
CA TYR D 48 29.61 -20.07 -9.44
C TYR D 48 30.11 -20.99 -10.55
N LYS D 49 31.38 -21.38 -10.45
CA LYS D 49 31.91 -22.39 -11.35
C LYS D 49 31.56 -23.80 -10.89
N GLU D 50 31.25 -24.66 -11.85
CA GLU D 50 30.94 -26.06 -11.58
C GLU D 50 32.22 -26.84 -11.31
#